data_4Y9F
#
_entry.id   4Y9F
#
_cell.length_a   43.043
_cell.length_b   85.638
_cell.length_c   63.391
_cell.angle_alpha   90.00
_cell.angle_beta   90.00
_cell.angle_gamma   90.00
#
_symmetry.space_group_name_H-M   'P 21 21 2'
#
loop_
_entity.id
_entity.type
_entity.pdbx_description
1 polymer Transthyretin
2 non-polymer 1,3,6,7-tetrahydroxy-2,8-bis(3-methylbut-2-en-1-yl)-9H-xanthen-9-one
3 non-polymer 'BROMIDE ION'
4 water water
#
_entity_poly.entity_id   1
_entity_poly.type   'polypeptide(L)'
_entity_poly.pdbx_seq_one_letter_code
;MRGSHHHHHHGSMASHRLLLLCLAGLVFVSEAGPTGTGESKCPLMVKVLDAVRGSPAINVAMHVFRKAADDTWEPFASGK
TSESGELHGLTTEEEFVEGIYKVEIDTKSYWKALGISPFHEHAEVVFTANDSGPRRYTIAALLSPYSYSTTAVVTNPKE
;
_entity_poly.pdbx_strand_id   A,B
#
loop_
_chem_comp.id
_chem_comp.type
_chem_comp.name
_chem_comp.formula
BR non-polymer 'BROMIDE ION' 'Br -1'
MKT non-polymer 1,3,6,7-tetrahydroxy-2,8-bis(3-methylbut-2-en-1-yl)-9H-xanthen-9-one 'C23 H24 O6'
#
# COMPACT_ATOMS: atom_id res chain seq x y z
N CYS A 42 20.86 11.64 4.15
CA CYS A 42 19.41 11.33 4.44
C CYS A 42 19.05 9.98 3.81
N PRO A 43 18.87 8.95 4.64
CA PRO A 43 18.74 7.60 4.06
C PRO A 43 17.30 7.20 3.69
N LEU A 44 16.31 7.97 4.14
CA LEU A 44 14.90 7.63 3.86
C LEU A 44 14.18 8.95 3.66
N MET A 45 13.63 9.16 2.46
CA MET A 45 12.92 10.37 2.21
C MET A 45 11.63 10.00 1.52
N VAL A 46 10.58 10.82 1.69
CA VAL A 46 9.28 10.45 1.09
C VAL A 46 8.75 11.68 0.35
N LYS A 47 8.27 11.47 -0.87
CA LYS A 47 7.76 12.61 -1.67
C LYS A 47 6.33 12.29 -2.04
N VAL A 48 5.41 13.25 -1.89
CA VAL A 48 4.00 12.91 -2.14
C VAL A 48 3.44 13.97 -3.10
N LEU A 49 2.75 13.51 -4.12
CA LEU A 49 2.13 14.36 -5.14
C LEU A 49 0.61 14.20 -5.19
N ASP A 50 -0.06 15.29 -5.56
CA ASP A 50 -1.52 15.30 -5.73
C ASP A 50 -1.90 15.33 -7.22
N ALA A 51 -2.53 14.25 -7.67
CA ALA A 51 -2.85 14.05 -9.07
C ALA A 51 -4.14 14.82 -9.48
N VAL A 52 -4.90 15.38 -8.51
CA VAL A 52 -6.09 16.17 -8.82
C VAL A 52 -5.72 17.63 -9.01
N ARG A 53 -4.80 18.15 -8.18
CA ARG A 53 -4.41 19.55 -8.30
C ARG A 53 -3.18 19.81 -9.16
N GLY A 54 -2.38 18.77 -9.43
CA GLY A 54 -1.09 18.96 -10.16
C GLY A 54 -0.11 19.75 -9.27
N SER A 55 0.03 19.31 -8.04
CA SER A 55 0.79 20.03 -7.05
C SER A 55 1.47 19.00 -6.14
N PRO A 56 2.52 19.42 -5.44
CA PRO A 56 2.90 18.64 -4.25
C PRO A 56 1.74 18.49 -3.29
N ALA A 57 1.72 17.38 -2.57
CA ALA A 57 0.71 17.09 -1.50
C ALA A 57 1.38 17.58 -0.21
N ILE A 58 0.93 18.77 0.24
CA ILE A 58 1.54 19.46 1.36
C ILE A 58 0.85 19.08 2.68
N ASN A 59 1.63 19.00 3.75
CA ASN A 59 1.05 18.70 5.09
C ASN A 59 0.41 17.33 5.20
N VAL A 60 0.97 16.41 4.45
CA VAL A 60 0.52 15.04 4.52
C VAL A 60 1.28 14.39 5.69
N ALA A 61 0.57 13.83 6.65
CA ALA A 61 1.19 13.15 7.78
C ALA A 61 1.57 11.74 7.38
N MET A 62 2.66 11.24 7.98
CA MET A 62 2.98 9.82 7.76
C MET A 62 3.70 9.30 9.01
N HIS A 63 3.49 8.01 9.26
CA HIS A 63 4.11 7.28 10.42
C HIS A 63 4.93 6.12 9.88
N VAL A 64 6.15 5.97 10.36
CA VAL A 64 6.98 4.85 9.89
C VAL A 64 7.12 3.89 11.07
N PHE A 65 6.97 2.60 10.78
CA PHE A 65 7.14 1.51 11.76
C PHE A 65 8.19 0.54 11.32
N ARG A 66 8.78 -0.13 12.30
CA ARG A 66 9.79 -1.14 12.03
C ARG A 66 9.34 -2.41 12.72
N LYS A 67 9.44 -3.54 12.02
CA LYS A 67 8.99 -4.79 12.59
C LYS A 67 9.96 -5.26 13.69
N ALA A 68 9.42 -5.51 14.88
CA ALA A 68 10.26 -5.96 16.04
C ALA A 68 10.46 -7.45 16.02
N ALA A 69 11.32 -7.94 16.93
CA ALA A 69 11.63 -9.37 16.98
C ALA A 69 10.38 -10.22 17.23
N ASP A 70 9.39 -9.64 17.87
CA ASP A 70 8.17 -10.39 18.20
C ASP A 70 7.09 -10.23 17.14
N ASP A 71 7.47 -9.73 15.95
CA ASP A 71 6.55 -9.48 14.83
C ASP A 71 5.57 -8.34 14.97
N THR A 72 5.66 -7.53 16.02
CA THR A 72 4.80 -6.33 16.09
C THR A 72 5.49 -5.17 15.37
N TRP A 73 4.69 -4.17 15.03
CA TRP A 73 5.19 -2.96 14.44
C TRP A 73 5.54 -1.93 15.50
N GLU A 74 6.81 -1.65 15.65
CA GLU A 74 7.23 -0.62 16.58
C GLU A 74 7.29 0.72 15.88
N PRO A 75 6.82 1.79 16.56
CA PRO A 75 6.98 3.13 16.02
C PRO A 75 8.46 3.44 15.79
N PHE A 76 8.79 3.99 14.63
CA PHE A 76 10.15 4.29 14.25
C PHE A 76 10.41 5.79 13.97
N ALA A 77 9.54 6.45 13.19
CA ALA A 77 9.68 7.87 12.92
C ALA A 77 8.33 8.38 12.37
N SER A 78 8.16 9.71 12.40
CA SER A 78 6.95 10.26 11.80
C SER A 78 7.20 11.68 11.44
N GLY A 79 6.34 12.22 10.56
CA GLY A 79 6.45 13.63 10.26
C GLY A 79 5.39 14.02 9.22
N LYS A 80 5.51 15.22 8.66
CA LYS A 80 4.54 15.63 7.64
C LYS A 80 5.24 16.28 6.48
N THR A 81 4.71 16.18 5.27
CA THR A 81 5.39 16.79 4.12
C THR A 81 5.36 18.34 4.16
N SER A 82 6.38 18.88 3.53
CA SER A 82 6.62 20.29 3.44
C SER A 82 5.85 20.86 2.25
N GLU A 83 6.13 22.14 1.97
CA GLU A 83 5.51 22.81 0.83
C GLU A 83 5.90 22.22 -0.51
N SER A 84 7.01 21.49 -0.55
CA SER A 84 7.44 20.82 -1.76
C SER A 84 6.95 19.40 -1.83
N GLY A 85 6.17 18.99 -0.82
CA GLY A 85 5.64 17.63 -0.80
C GLY A 85 6.65 16.63 -0.31
N GLU A 86 7.74 17.11 0.31
CA GLU A 86 8.80 16.18 0.74
C GLU A 86 8.88 16.09 2.24
N LEU A 87 9.30 14.93 2.72
CA LEU A 87 9.62 14.71 4.14
C LEU A 87 11.00 14.18 4.26
N HIS A 88 11.86 15.01 4.82
CA HIS A 88 13.27 14.72 5.05
C HIS A 88 13.52 14.57 6.53
N GLY A 89 14.65 13.93 6.85
CA GLY A 89 15.12 13.85 8.24
C GLY A 89 14.39 12.90 9.13
N LEU A 90 13.67 11.94 8.54
CA LEU A 90 12.98 10.96 9.36
C LEU A 90 13.95 10.20 10.28
N THR A 91 15.12 9.84 9.74
CA THR A 91 16.04 8.99 10.50
C THR A 91 17.48 9.30 10.11
N THR A 92 18.41 8.54 10.69
CA THR A 92 19.84 8.70 10.45
C THR A 92 20.39 7.39 9.95
N GLU A 93 21.55 7.44 9.32
CA GLU A 93 22.14 6.19 8.85
C GLU A 93 22.40 5.21 10.01
N GLU A 94 22.81 5.73 11.19
CA GLU A 94 23.05 4.81 12.33
C GLU A 94 21.77 4.10 12.81
N GLU A 95 20.67 4.84 12.92
CA GLU A 95 19.46 4.30 13.46
C GLU A 95 18.69 3.42 12.45
N PHE A 96 18.92 3.68 11.17
CA PHE A 96 18.16 2.99 10.13
C PHE A 96 18.81 1.66 9.76
N VAL A 97 18.68 0.73 10.67
CA VAL A 97 19.38 -0.54 10.52
C VAL A 97 18.57 -1.43 9.60
N GLU A 98 19.10 -2.63 9.31
CA GLU A 98 18.33 -3.61 8.51
C GLU A 98 17.01 -3.89 9.20
N GLY A 99 15.97 -4.10 8.42
CA GLY A 99 14.74 -4.56 9.02
C GLY A 99 13.61 -4.44 8.02
N ILE A 100 12.40 -4.76 8.43
CA ILE A 100 11.19 -4.52 7.62
C ILE A 100 10.49 -3.27 8.11
N TYR A 101 10.28 -2.34 7.20
CA TYR A 101 9.76 -1.00 7.56
C TYR A 101 8.42 -0.83 6.90
N LYS A 102 7.52 -0.09 7.56
CA LYS A 102 6.20 0.21 6.98
C LYS A 102 6.07 1.74 7.05
N VAL A 103 5.82 2.36 5.91
CA VAL A 103 5.52 3.82 5.86
C VAL A 103 4.03 3.93 5.67
N GLU A 104 3.31 4.45 6.65
CA GLU A 104 1.86 4.60 6.50
C GLU A 104 1.60 6.06 6.21
N ILE A 105 1.13 6.34 5.01
CA ILE A 105 0.89 7.72 4.60
C ILE A 105 -0.56 8.04 4.82
N ASP A 106 -0.85 9.11 5.56
CA ASP A 106 -2.22 9.33 5.98
C ASP A 106 -3.03 10.10 4.92
N THR A 107 -3.38 9.36 3.87
CA THR A 107 -4.03 9.98 2.73
C THR A 107 -5.48 10.37 3.05
N LYS A 108 -6.19 9.59 3.87
CA LYS A 108 -7.59 9.97 4.13
C LYS A 108 -7.65 11.36 4.80
N SER A 109 -6.77 11.56 5.77
CA SER A 109 -6.73 12.85 6.51
C SER A 109 -6.40 13.98 5.54
N TYR A 110 -5.50 13.72 4.59
CA TYR A 110 -5.18 14.70 3.61
C TYR A 110 -6.38 15.10 2.76
N TRP A 111 -7.10 14.13 2.19
CA TRP A 111 -8.22 14.40 1.32
C TRP A 111 -9.38 15.00 2.13
N LYS A 112 -9.58 14.53 3.35
CA LYS A 112 -10.74 15.04 4.16
C LYS A 112 -10.47 16.54 4.43
N ALA A 113 -9.25 16.86 4.83
CA ALA A 113 -8.87 18.26 5.14
C ALA A 113 -9.19 19.15 3.97
N LEU A 114 -9.29 18.58 2.77
CA LEU A 114 -9.72 19.29 1.57
C LEU A 114 -11.19 19.04 1.19
N GLY A 115 -11.99 18.43 2.09
CA GLY A 115 -13.41 18.13 1.76
C GLY A 115 -13.66 17.08 0.69
N ILE A 116 -12.66 16.23 0.41
CA ILE A 116 -12.90 15.12 -0.49
C ILE A 116 -13.04 13.86 0.37
N SER A 117 -14.02 13.01 0.06
CA SER A 117 -14.15 11.71 0.74
C SER A 117 -13.47 10.63 -0.11
N PRO A 118 -12.26 10.21 0.30
CA PRO A 118 -11.55 9.28 -0.52
C PRO A 118 -11.84 7.81 -0.16
N PHE A 119 -11.27 6.92 -0.94
CA PHE A 119 -11.50 5.50 -0.78
C PHE A 119 -10.60 4.88 0.30
N HIS A 120 -9.30 5.19 0.23
CA HIS A 120 -8.41 4.46 1.15
C HIS A 120 -8.27 5.12 2.53
N GLU A 121 -7.95 4.33 3.53
CA GLU A 121 -7.60 4.88 4.86
C GLU A 121 -6.24 5.57 4.84
N HIS A 122 -5.30 4.88 4.24
CA HIS A 122 -3.95 5.36 4.11
C HIS A 122 -3.28 4.54 3.01
N ALA A 123 -2.12 5.00 2.59
CA ALA A 123 -1.31 4.28 1.62
C ALA A 123 -0.24 3.63 2.48
N GLU A 124 0.08 2.35 2.26
CA GLU A 124 1.02 1.66 3.14
C GLU A 124 2.14 1.22 2.23
N VAL A 125 3.39 1.49 2.62
CA VAL A 125 4.55 1.03 1.82
C VAL A 125 5.39 0.16 2.73
N VAL A 126 5.47 -1.15 2.45
CA VAL A 126 6.17 -2.09 3.35
C VAL A 126 7.33 -2.72 2.60
N PHE A 127 8.52 -2.65 3.19
CA PHE A 127 9.75 -3.08 2.48
C PHE A 127 10.84 -3.46 3.43
N THR A 128 11.69 -4.40 3.00
CA THR A 128 12.95 -4.67 3.67
C THR A 128 13.97 -3.63 3.27
N ALA A 129 14.64 -3.03 4.26
CA ALA A 129 15.68 -2.07 4.03
C ALA A 129 17.04 -2.56 4.51
N ASN A 130 18.11 -2.19 3.77
CA ASN A 130 19.51 -2.31 4.19
C ASN A 130 19.95 -3.74 4.35
N ASP A 131 19.31 -4.66 3.65
CA ASP A 131 19.66 -6.07 3.83
C ASP A 131 20.92 -6.49 3.05
N SER A 132 21.39 -5.66 2.12
CA SER A 132 22.76 -5.86 1.57
C SER A 132 23.60 -4.63 1.84
N GLY A 133 23.55 -4.09 3.06
CA GLY A 133 24.27 -2.86 3.41
C GLY A 133 23.39 -1.64 3.25
N PRO A 134 23.90 -0.45 3.68
CA PRO A 134 23.14 0.81 3.72
C PRO A 134 22.77 1.23 2.31
N ARG A 135 21.51 1.63 2.12
CA ARG A 135 21.12 2.23 0.86
C ARG A 135 20.35 3.44 1.22
N ARG A 136 20.15 4.31 0.22
CA ARG A 136 19.31 5.48 0.40
C ARG A 136 18.00 5.24 -0.37
N TYR A 137 16.87 5.50 0.31
CA TYR A 137 15.54 5.18 -0.24
C TYR A 137 14.77 6.47 -0.40
N THR A 138 14.23 6.69 -1.62
CA THR A 138 13.17 7.71 -1.84
C THR A 138 11.89 6.97 -2.17
N ILE A 139 10.90 7.16 -1.34
CA ILE A 139 9.55 6.62 -1.56
C ILE A 139 8.69 7.74 -2.14
N ALA A 140 8.12 7.50 -3.29
CA ALA A 140 7.18 8.48 -3.86
C ALA A 140 5.77 7.95 -3.86
N ALA A 141 4.78 8.83 -3.66
CA ALA A 141 3.41 8.39 -3.77
C ALA A 141 2.63 9.43 -4.56
N LEU A 142 1.79 8.98 -5.45
CA LEU A 142 0.98 9.92 -6.26
C LEU A 142 -0.48 9.64 -5.90
N LEU A 143 -1.21 10.64 -5.38
CA LEU A 143 -2.49 10.41 -4.79
C LEU A 143 -3.66 10.93 -5.64
N SER A 144 -4.66 10.08 -5.79
CA SER A 144 -6.03 10.49 -6.29
C SER A 144 -7.06 10.00 -5.23
N PRO A 145 -8.31 10.47 -5.31
CA PRO A 145 -9.23 10.09 -4.25
C PRO A 145 -9.52 8.58 -4.23
N TYR A 146 -9.55 7.92 -5.38
CA TYR A 146 -9.82 6.46 -5.40
C TYR A 146 -8.65 5.63 -5.90
N SER A 147 -7.43 6.20 -5.90
CA SER A 147 -6.26 5.49 -6.47
C SER A 147 -5.00 6.10 -5.97
N TYR A 148 -3.99 5.28 -5.75
CA TYR A 148 -2.66 5.80 -5.62
C TYR A 148 -1.64 4.87 -6.20
N SER A 149 -0.50 5.48 -6.54
CA SER A 149 0.67 4.76 -6.98
CA SER A 149 0.65 4.68 -6.89
C SER A 149 1.82 5.03 -6.02
N THR A 150 2.72 4.07 -5.86
CA THR A 150 3.88 4.31 -5.07
C THR A 150 5.05 3.67 -5.74
N THR A 151 6.21 4.32 -5.66
CA THR A 151 7.43 3.76 -6.25
CA THR A 151 7.43 3.90 -6.30
C THR A 151 8.56 4.02 -5.31
N ALA A 152 9.60 3.25 -5.50
CA ALA A 152 10.82 3.47 -4.71
C ALA A 152 12.01 3.63 -5.60
N VAL A 153 12.85 4.58 -5.27
CA VAL A 153 14.18 4.70 -5.91
C VAL A 153 15.22 4.37 -4.85
N VAL A 154 16.08 3.41 -5.14
CA VAL A 154 17.03 2.90 -4.19
C VAL A 154 18.40 3.16 -4.76
N THR A 155 19.19 3.91 -4.01
CA THR A 155 20.55 4.25 -4.47
C THR A 155 21.63 3.78 -3.49
N ASN A 156 22.84 3.56 -4.02
CA ASN A 156 24.06 3.11 -3.33
C ASN A 156 25.21 4.02 -3.79
N CYS B 42 -21.50 -10.51 -6.07
CA CYS B 42 -20.08 -10.47 -5.54
C CYS B 42 -19.73 -9.06 -5.03
N PRO B 43 -19.67 -8.89 -3.71
CA PRO B 43 -19.48 -7.55 -3.17
C PRO B 43 -18.04 -7.04 -3.30
N LEU B 44 -17.06 -7.95 -3.38
CA LEU B 44 -15.65 -7.56 -3.33
C LEU B 44 -14.86 -8.47 -4.28
N MET B 45 -14.24 -7.86 -5.27
CA MET B 45 -13.43 -8.58 -6.25
CA MET B 45 -13.45 -8.55 -6.28
C MET B 45 -12.07 -7.89 -6.35
N VAL B 46 -11.02 -8.67 -6.59
CA VAL B 46 -9.66 -8.10 -6.74
C VAL B 46 -9.09 -8.52 -8.06
N LYS B 47 -8.44 -7.61 -8.79
CA LYS B 47 -7.86 -7.94 -10.12
C LYS B 47 -6.44 -7.44 -10.06
N VAL B 48 -5.48 -8.24 -10.51
CA VAL B 48 -4.05 -7.93 -10.35
C VAL B 48 -3.41 -8.13 -11.70
N LEU B 49 -2.66 -7.11 -12.13
CA LEU B 49 -2.02 -7.09 -13.44
C LEU B 49 -0.51 -6.95 -13.28
N ASP B 50 0.24 -7.44 -14.26
CA ASP B 50 1.71 -7.43 -14.22
C ASP B 50 2.15 -6.45 -15.33
N ALA B 51 2.83 -5.36 -14.90
CA ALA B 51 3.27 -4.30 -15.81
C ALA B 51 4.62 -4.62 -16.50
N VAL B 52 5.30 -5.70 -16.11
CA VAL B 52 6.55 -6.13 -16.76
C VAL B 52 6.24 -7.06 -17.97
N ARG B 53 5.30 -7.96 -17.79
CA ARG B 53 4.95 -8.93 -18.82
C ARG B 53 3.71 -8.52 -19.62
N GLY B 54 2.94 -7.56 -19.15
CA GLY B 54 1.73 -7.22 -19.88
C GLY B 54 0.69 -8.32 -19.81
N SER B 55 0.43 -8.78 -18.60
CA SER B 55 -0.37 -10.01 -18.45
C SER B 55 -1.17 -9.87 -17.16
N PRO B 56 -2.23 -10.63 -16.99
CA PRO B 56 -2.77 -10.78 -15.65
C PRO B 56 -1.66 -11.33 -14.74
N ALA B 57 -1.74 -11.01 -13.45
CA ALA B 57 -0.82 -11.60 -12.46
C ALA B 57 -1.49 -12.82 -11.88
N ILE B 58 -1.06 -14.03 -12.28
CA ILE B 58 -1.75 -15.25 -11.94
C ILE B 58 -1.16 -15.89 -10.66
N ASN B 59 -2.02 -16.55 -9.89
CA ASN B 59 -1.60 -17.23 -8.63
C ASN B 59 -0.99 -16.32 -7.60
N VAL B 60 -1.46 -15.08 -7.56
CA VAL B 60 -1.05 -14.14 -6.53
C VAL B 60 -1.94 -14.40 -5.31
N ALA B 61 -1.32 -14.74 -4.22
CA ALA B 61 -2.04 -14.91 -2.96
C ALA B 61 -2.36 -13.60 -2.29
N MET B 62 -3.52 -13.56 -1.65
CA MET B 62 -3.86 -12.43 -0.82
C MET B 62 -4.71 -12.82 0.35
N HIS B 63 -4.59 -12.04 1.41
CA HIS B 63 -5.46 -12.16 2.55
C HIS B 63 -6.17 -10.87 2.79
N VAL B 64 -7.42 -11.01 3.19
CA VAL B 64 -8.30 -9.87 3.58
C VAL B 64 -8.49 -9.96 5.08
N PHE B 65 -8.39 -8.80 5.75
CA PHE B 65 -8.59 -8.69 7.16
C PHE B 65 -9.63 -7.63 7.44
N ARG B 66 -10.31 -7.79 8.58
CA ARG B 66 -11.26 -6.79 9.01
C ARG B 66 -10.77 -6.19 10.30
N LYS B 67 -10.88 -4.88 10.47
CA LYS B 67 -10.43 -4.25 11.70
C LYS B 67 -11.40 -4.56 12.87
N ALA B 68 -10.86 -5.09 13.95
CA ALA B 68 -11.67 -5.42 15.13
C ALA B 68 -11.72 -4.22 16.08
N ALA B 69 -12.67 -4.26 17.01
CA ALA B 69 -12.90 -3.15 17.96
C ALA B 69 -11.68 -2.75 18.78
N ASP B 70 -10.72 -3.66 18.95
CA ASP B 70 -9.48 -3.38 19.68
C ASP B 70 -8.34 -2.95 18.76
N ASP B 71 -8.64 -2.71 17.48
CA ASP B 71 -7.67 -2.26 16.47
C ASP B 71 -6.75 -3.31 15.90
N THR B 72 -6.95 -4.56 16.28
CA THR B 72 -6.21 -5.64 15.63
C THR B 72 -6.88 -5.99 14.29
N TRP B 73 -6.19 -6.76 13.48
CA TRP B 73 -6.69 -7.23 12.19
C TRP B 73 -7.10 -8.70 12.27
N GLU B 74 -8.40 -8.96 12.09
CA GLU B 74 -8.97 -10.29 12.13
C GLU B 74 -9.00 -10.87 10.74
N PRO B 75 -8.53 -12.12 10.57
CA PRO B 75 -8.65 -12.73 9.24
C PRO B 75 -10.12 -12.75 8.80
N PHE B 76 -10.34 -12.47 7.53
CA PHE B 76 -11.69 -12.34 6.98
C PHE B 76 -11.91 -13.24 5.74
N ALA B 77 -10.95 -13.27 4.81
CA ALA B 77 -11.08 -14.04 3.58
C ALA B 77 -9.72 -14.10 2.92
N SER B 78 -9.54 -15.07 2.05
CA SER B 78 -8.28 -15.13 1.29
C SER B 78 -8.43 -15.98 0.06
N GLY B 79 -7.44 -15.92 -0.81
CA GLY B 79 -7.47 -16.76 -2.02
C GLY B 79 -6.29 -16.37 -2.90
N LYS B 80 -6.25 -16.92 -4.10
CA LYS B 80 -5.20 -16.66 -5.07
C LYS B 80 -5.87 -16.23 -6.37
N THR B 81 -5.27 -15.28 -7.08
CA THR B 81 -5.87 -14.89 -8.37
C THR B 81 -5.87 -16.02 -9.41
N SER B 82 -6.85 -15.97 -10.30
CA SER B 82 -7.06 -16.99 -11.33
C SER B 82 -6.19 -16.69 -12.55
N GLU B 83 -6.42 -17.44 -13.62
CA GLU B 83 -5.67 -17.20 -14.85
C GLU B 83 -5.95 -15.85 -15.46
N SER B 84 -7.04 -15.23 -15.06
CA SER B 84 -7.38 -13.92 -15.60
C SER B 84 -6.95 -12.79 -14.62
N GLY B 85 -6.22 -13.17 -13.56
CA GLY B 85 -5.74 -12.18 -12.58
C GLY B 85 -6.79 -11.77 -11.58
N GLU B 86 -7.89 -12.51 -11.52
CA GLU B 86 -9.05 -12.10 -10.69
C GLU B 86 -9.23 -13.04 -9.54
N LEU B 87 -9.71 -12.49 -8.46
CA LEU B 87 -10.12 -13.29 -7.32
C LEU B 87 -11.54 -12.86 -6.94
N HIS B 88 -12.45 -13.84 -7.14
CA HIS B 88 -13.89 -13.69 -6.93
C HIS B 88 -14.28 -14.55 -5.72
N GLY B 89 -15.44 -14.29 -5.15
CA GLY B 89 -15.93 -15.20 -4.10
C GLY B 89 -15.33 -15.01 -2.72
N LEU B 90 -14.68 -13.88 -2.45
CA LEU B 90 -14.10 -13.63 -1.15
C LEU B 90 -15.12 -13.60 -0.03
N THR B 91 -16.27 -12.99 -0.27
CA THR B 91 -17.25 -12.80 0.78
C THR B 91 -18.65 -12.75 0.15
N THR B 92 -19.68 -12.51 0.98
CA THR B 92 -21.07 -12.42 0.48
C THR B 92 -21.61 -11.11 0.98
N GLU B 93 -22.71 -10.64 0.40
CA GLU B 93 -23.30 -9.39 0.86
C GLU B 93 -23.66 -9.39 2.36
N GLU B 94 -24.18 -10.52 2.86
CA GLU B 94 -24.59 -10.54 4.25
C GLU B 94 -23.40 -10.42 5.22
N GLU B 95 -22.23 -10.95 4.82
CA GLU B 95 -21.07 -10.97 5.71
C GLU B 95 -20.26 -9.68 5.60
N PHE B 96 -20.35 -9.03 4.46
CA PHE B 96 -19.49 -7.88 4.17
C PHE B 96 -20.14 -6.61 4.70
N VAL B 97 -20.13 -6.45 6.03
CA VAL B 97 -20.76 -5.27 6.63
C VAL B 97 -19.80 -4.08 6.65
N GLU B 98 -20.31 -2.90 6.97
CA GLU B 98 -19.47 -1.68 7.00
C GLU B 98 -18.34 -1.87 8.01
N GLY B 99 -17.18 -1.30 7.72
CA GLY B 99 -16.04 -1.54 8.60
C GLY B 99 -14.78 -1.21 7.79
N ILE B 100 -13.64 -1.31 8.47
CA ILE B 100 -12.32 -1.09 7.78
C ILE B 100 -11.76 -2.45 7.41
N TYR B 101 -11.35 -2.60 6.15
CA TYR B 101 -10.80 -3.86 5.66
C TYR B 101 -9.40 -3.60 5.12
N LYS B 102 -8.58 -4.65 5.10
CA LYS B 102 -7.24 -4.53 4.55
C LYS B 102 -7.05 -5.73 3.65
N VAL B 103 -6.64 -5.48 2.40
CA VAL B 103 -6.26 -6.53 1.50
C VAL B 103 -4.74 -6.49 1.41
N GLU B 104 -4.11 -7.59 1.80
CA GLU B 104 -2.65 -7.72 1.78
C GLU B 104 -2.31 -8.66 0.60
N ILE B 105 -1.70 -8.10 -0.44
CA ILE B 105 -1.44 -8.85 -1.68
C ILE B 105 0.00 -9.30 -1.60
N ASP B 106 0.25 -10.63 -1.68
CA ASP B 106 1.65 -11.09 -1.54
C ASP B 106 2.42 -10.96 -2.86
N THR B 107 2.82 -9.71 -3.13
CA THR B 107 3.55 -9.40 -4.35
C THR B 107 4.97 -9.94 -4.31
N LYS B 108 5.56 -10.00 -3.13
CA LYS B 108 6.97 -10.45 -3.05
C LYS B 108 7.08 -11.90 -3.53
N SER B 109 6.21 -12.80 -3.07
CA SER B 109 6.23 -14.18 -3.60
C SER B 109 6.01 -14.30 -5.10
N TYR B 110 5.17 -13.43 -5.65
CA TYR B 110 4.88 -13.45 -7.06
C TYR B 110 6.14 -13.12 -7.85
N TRP B 111 6.81 -12.04 -7.46
CA TRP B 111 8.03 -11.65 -8.18
C TRP B 111 9.14 -12.68 -7.98
N LYS B 112 9.23 -13.22 -6.77
CA LYS B 112 10.26 -14.26 -6.46
C LYS B 112 10.02 -15.50 -7.32
N ALA B 113 8.77 -15.91 -7.56
CA ALA B 113 8.55 -17.14 -8.36
C ALA B 113 8.89 -16.91 -9.84
N LEU B 114 8.98 -15.65 -10.24
CA LEU B 114 9.35 -15.27 -11.60
C LEU B 114 10.86 -14.96 -11.68
N GLY B 115 11.55 -15.11 -10.55
CA GLY B 115 13.00 -14.91 -10.51
C GLY B 115 13.45 -13.47 -10.53
N ILE B 116 12.60 -12.57 -10.04
CA ILE B 116 12.83 -11.14 -10.03
C ILE B 116 12.81 -10.62 -8.56
N SER B 117 13.81 -9.81 -8.15
CA SER B 117 13.88 -9.27 -6.77
CA SER B 117 13.80 -9.31 -6.77
C SER B 117 13.02 -7.99 -6.72
N PRO B 118 11.99 -7.94 -5.84
CA PRO B 118 11.17 -6.71 -5.80
C PRO B 118 11.47 -5.90 -4.60
N PHE B 119 10.87 -4.72 -4.57
CA PHE B 119 11.02 -3.82 -3.46
C PHE B 119 10.11 -4.18 -2.26
N HIS B 120 8.80 -4.31 -2.51
CA HIS B 120 7.86 -4.33 -1.40
C HIS B 120 7.72 -5.71 -0.85
N GLU B 121 7.38 -5.82 0.44
CA GLU B 121 7.01 -7.11 1.05
C GLU B 121 5.67 -7.58 0.56
N HIS B 122 4.74 -6.65 0.48
CA HIS B 122 3.43 -6.92 -0.04
C HIS B 122 2.81 -5.62 -0.45
N ALA B 123 1.70 -5.64 -1.16
CA ALA B 123 0.94 -4.38 -1.36
C ALA B 123 -0.22 -4.43 -0.41
N GLU B 124 -0.60 -3.28 0.15
CA GLU B 124 -1.68 -3.22 1.12
C GLU B 124 -2.74 -2.26 0.63
N VAL B 125 -4.01 -2.65 0.70
CA VAL B 125 -5.06 -1.74 0.31
C VAL B 125 -6.01 -1.66 1.49
N VAL B 126 -6.10 -0.52 2.13
CA VAL B 126 -6.85 -0.43 3.39
C VAL B 126 -7.95 0.58 3.13
N PHE B 127 -9.19 0.19 3.45
CA PHE B 127 -10.34 1.04 3.06
C PHE B 127 -11.50 0.81 3.98
N THR B 128 -12.43 1.81 4.02
CA THR B 128 -13.75 1.59 4.67
C THR B 128 -14.78 1.12 3.67
N ALA B 129 -15.50 0.06 4.01
CA ALA B 129 -16.65 -0.34 3.20
C ALA B 129 -17.87 0.48 3.73
N ASN B 130 -18.59 1.15 2.83
CA ASN B 130 -19.62 2.16 3.19
C ASN B 130 -20.92 1.92 2.43
N ASP B 131 -22.00 1.65 3.16
CA ASP B 131 -23.31 1.31 2.57
C ASP B 131 -23.99 2.42 1.77
N SER B 132 -23.60 3.66 2.03
CA SER B 132 -24.02 4.77 1.18
C SER B 132 -23.53 4.56 -0.25
N ARG B 136 -20.80 -2.64 -5.12
CA ARG B 136 -19.83 -3.64 -5.48
C ARG B 136 -18.45 -2.95 -5.51
N TYR B 137 -17.45 -3.56 -4.88
CA TYR B 137 -16.10 -2.98 -4.83
C TYR B 137 -15.20 -3.83 -5.68
N THR B 138 -14.54 -3.22 -6.68
CA THR B 138 -13.48 -3.88 -7.44
C THR B 138 -12.17 -3.17 -7.09
N ILE B 139 -11.23 -3.90 -6.50
CA ILE B 139 -9.92 -3.35 -6.16
C ILE B 139 -8.98 -3.86 -7.25
N ALA B 140 -8.29 -2.94 -7.90
CA ALA B 140 -7.30 -3.35 -8.91
C ALA B 140 -5.93 -2.99 -8.46
N ALA B 141 -4.92 -3.78 -8.83
CA ALA B 141 -3.54 -3.50 -8.52
C ALA B 141 -2.67 -3.79 -9.73
N LEU B 142 -1.79 -2.88 -10.10
CA LEU B 142 -0.89 -3.02 -11.21
C LEU B 142 0.49 -3.09 -10.64
N LEU B 143 1.17 -4.20 -10.87
CA LEU B 143 2.44 -4.47 -10.20
C LEU B 143 3.68 -4.30 -11.09
N SER B 144 4.68 -3.57 -10.55
CA SER B 144 6.04 -3.59 -11.12
C SER B 144 7.01 -3.93 -9.99
N PRO B 145 8.26 -4.27 -10.31
CA PRO B 145 9.04 -4.72 -9.18
C PRO B 145 9.29 -3.64 -8.14
N TYR B 146 9.46 -2.39 -8.54
CA TYR B 146 9.71 -1.34 -7.56
C TYR B 146 8.57 -0.36 -7.48
N SER B 147 7.39 -0.71 -7.96
CA SER B 147 6.26 0.18 -7.90
C SER B 147 4.99 -0.57 -7.98
N TYR B 148 3.92 -0.02 -7.38
CA TYR B 148 2.60 -0.52 -7.77
C TYR B 148 1.60 0.56 -7.65
N SER B 149 0.52 0.38 -8.39
CA SER B 149 -0.63 1.27 -8.23
CA SER B 149 -0.65 1.26 -8.32
C SER B 149 -1.82 0.45 -7.86
N THR B 150 -2.78 1.11 -7.18
CA THR B 150 -4.03 0.46 -6.84
C THR B 150 -5.19 1.44 -7.03
N THR B 151 -6.34 0.98 -7.49
CA THR B 151 -7.51 1.85 -7.64
CA THR B 151 -7.51 1.77 -7.75
C THR B 151 -8.71 1.03 -7.19
N ALA B 152 -9.76 1.74 -6.85
CA ALA B 152 -11.04 1.10 -6.53
C ALA B 152 -12.07 1.62 -7.48
N VAL B 153 -12.88 0.70 -8.00
CA VAL B 153 -14.08 1.05 -8.76
C VAL B 153 -15.25 0.57 -7.93
N VAL B 154 -16.11 1.50 -7.58
CA VAL B 154 -17.24 1.18 -6.69
C VAL B 154 -18.48 1.44 -7.54
N THR B 155 -19.23 0.37 -7.80
CA THR B 155 -20.36 0.45 -8.77
C THR B 155 -21.66 -0.15 -8.25
N ASN B 156 -22.72 0.00 -9.04
CA ASN B 156 -24.03 -0.63 -8.78
C ASN B 156 -24.42 -1.67 -9.83
CAA MKT C . 16.47 9.92 -5.77
CAQ MKT C . 16.12 9.98 -7.25
CAB MKT C . 17.27 9.86 -8.31
CAJ MKT C . 14.66 10.15 -7.71
CAN MKT C . 13.52 9.99 -6.66
CAW MKT C . 12.43 10.78 -7.03
CAV MKT C . 11.27 10.21 -7.54
OAI MKT C . 11.23 8.85 -7.63
CAT MKT C . 12.48 12.16 -6.96
OAG MKT C . 13.59 12.69 -6.44
CAM MKT C . 11.43 12.97 -7.36
CAZ MKT C . 10.28 12.34 -7.88
OAP MKT C . 9.21 13.08 -8.26
CBB MKT C . 10.20 10.97 -7.99
CAY MKT C . 9.04 10.36 -8.49
OAE MKT C . 8.91 9.14 -8.31
CBC MKT C . 7.99 11.17 -9.01
CBA MKT C . 8.12 12.56 -8.89
CAL MKT C . 7.15 13.46 -9.36
CAS MKT C . 6.02 12.96 -9.99
OAF MKT C . 5.02 13.77 -10.48
CAU MKT C . 5.88 11.60 -10.14
OAH MKT C . 4.76 11.16 -10.77
CAX MKT C . 6.84 10.68 -9.66
CAO MKT C . 6.66 9.31 -9.88
CAK MKT C . 6.02 8.61 -8.69
CAR MKT C . 4.76 7.78 -8.94
CAD MKT C . 4.25 7.03 -7.70
CAC MKT C . 4.04 7.68 -10.31
BR BR D . 4.13 9.70 -13.14
BR BR E . 7.69 17.40 -8.91
BR BR F . -0.87 6.74 13.43
BR BR G . 7.79 23.99 4.52
BR BR H . 5.65 -7.63 6.68
CAA MKT I . -7.50 -9.23 -20.53
CAQ MKT I . -7.06 -9.31 -19.06
CAB MKT I . -6.54 -10.65 -18.51
CAJ MKT I . -7.04 -8.04 -18.18
CAN MKT I . -7.27 -6.67 -18.88
CAW MKT I . -7.85 -5.83 -17.94
CAV MKT I . -7.07 -4.90 -17.31
OAI MKT I . -5.78 -4.83 -17.69
CAT MKT I . -9.19 -5.92 -17.60
OAG MKT I . -9.92 -6.85 -18.26
CAM MKT I . -9.73 -5.08 -16.63
CAZ MKT I . -8.89 -4.15 -16.00
OAP MKT I . -9.40 -3.32 -15.05
CBB MKT I . -7.55 -4.04 -16.33
CAY MKT I . -6.71 -3.11 -15.71
OAE MKT I . -5.53 -3.03 -16.08
CBC MKT I . -7.23 -2.31 -14.67
CBA MKT I . -8.61 -2.45 -14.35
CAL MKT I . -9.23 -1.70 -13.35
CAS MKT I . -8.51 -0.79 -12.62
OAF MKT I . -9.07 -0.03 -11.62
CAU MKT I . -7.16 -0.63 -12.92
OAH MKT I . -6.44 0.27 -12.21
CAX MKT I . -6.50 -1.35 -13.92
CAO MKT I . -5.14 -1.15 -14.04
CAK MKT I . -4.62 -0.32 -15.23
CAR MKT I . -3.97 1.04 -14.98
CAD MKT I . -3.73 1.94 -16.21
CAC MKT I . -3.46 1.47 -13.60
BR BR J . -12.98 -2.41 -13.03
BR BR K . -4.32 0.14 -10.31
BR BR L . -6.77 1.56 9.53
#